data_3SKO
#
_entry.id   3SKO
#
_cell.length_a   50.900
_cell.length_b   81.850
_cell.length_c   110.720
_cell.angle_alpha   90.000
_cell.angle_beta   90.000
_cell.angle_gamma   90.000
#
_symmetry.space_group_name_H-M   'P 21 21 21'
#
loop_
_entity.id
_entity.type
_entity.pdbx_description
1 polymer 'HLA class I histocompatibility antigen, B-8 alpha chain'
2 polymer Beta-2-microglobulin
3 polymer 'Epstein-Barr nuclear antigen 3'
4 non-polymer 'SODIUM ION'
5 water water
#
loop_
_entity_poly.entity_id
_entity_poly.type
_entity_poly.pdbx_seq_one_letter_code
_entity_poly.pdbx_strand_id
1 'polypeptide(L)'
;GSHSMRYFDTAMSRPGRGEPRFISVGYVDDTQFVRFDSDAASPREEPRAPWIEQEGPEYWDRNTQAFKTNTQTDRESLRN
LRGYYNQSEAGSHTLQSMYGCDVGPDGRLLRGHNQYAYDGKDYIALNEDLRSWTAADTAAQITQRKWEAARVAEQDRAYL
EGTCVEWLRRYLENGKDTLERADPPKTHVTHHPISDHEATLRCWALGFYPAEITLTWQRDGEDQTQDTELVETRPAGDRT
FQKWAAVVVPSGEEQRYTCHVQHEGLPKPLTLRWEPS
;
A
2 'polypeptide(L)'
;MIQRTPKIQVYSRHPAENGKSNFLNCYVSGFHPSDIEVDLLKNGERIEKVEHSDLSFSKDWSFYLLYYTEFTPTEKDEYA
CRVNHVTLSQPKIVKWDRDM
;
B
3 'polypeptide(L)' FLRGRAYGL C
#
loop_
_chem_comp.id
_chem_comp.type
_chem_comp.name
_chem_comp.formula
NA non-polymer 'SODIUM ION' 'Na 1'
#
# COMPACT_ATOMS: atom_id res chain seq x y z
N GLY A 1 19.51 -2.02 -6.64
CA GLY A 1 19.28 -3.43 -6.93
C GLY A 1 18.09 -3.64 -7.85
N SER A 2 17.13 -4.44 -7.41
CA SER A 2 15.94 -4.68 -8.20
C SER A 2 14.90 -3.57 -8.01
N HIS A 3 14.04 -3.39 -9.01
CA HIS A 3 13.01 -2.36 -8.93
C HIS A 3 11.71 -2.90 -9.52
N SER A 4 10.61 -2.23 -9.21
CA SER A 4 9.33 -2.67 -9.75
C SER A 4 8.50 -1.47 -10.16
N MET A 5 7.66 -1.67 -11.17
CA MET A 5 6.60 -0.71 -11.46
C MET A 5 5.27 -1.43 -11.33
N ARG A 6 4.32 -0.83 -10.63
CA ARG A 6 3.03 -1.48 -10.43
C ARG A 6 1.91 -0.48 -10.43
N TYR A 7 0.80 -0.85 -11.05
CA TYR A 7 -0.41 -0.05 -10.95
C TYR A 7 -1.42 -0.84 -10.12
N PHE A 8 -2.06 -0.15 -9.20
CA PHE A 8 -3.07 -0.71 -8.32
C PHE A 8 -4.37 -0.04 -8.65
N ASP A 9 -5.29 -0.80 -9.24
CA ASP A 9 -6.53 -0.24 -9.77
C ASP A 9 -7.73 -0.77 -8.99
N THR A 10 -8.63 0.13 -8.60
CA THR A 10 -9.82 -0.22 -7.85
C THR A 10 -11.07 0.32 -8.54
N ALA A 11 -12.02 -0.55 -8.87
CA ALA A 11 -13.33 -0.13 -9.37
C ALA A 11 -14.39 -0.51 -8.36
N MET A 12 -15.29 0.41 -8.01
CA MET A 12 -16.26 0.11 -6.97
C MET A 12 -17.64 0.61 -7.38
N SER A 13 -18.59 -0.31 -7.50
CA SER A 13 -19.94 0.11 -7.84
C SER A 13 -20.62 0.78 -6.64
N ARG A 14 -21.63 1.61 -6.94
CA ARG A 14 -22.30 2.40 -5.91
C ARG A 14 -23.73 2.69 -6.41
N PRO A 15 -24.58 1.67 -6.41
CA PRO A 15 -25.92 1.82 -6.99
C PRO A 15 -26.65 3.01 -6.41
N GLY A 16 -27.26 3.80 -7.28
CA GLY A 16 -27.96 5.00 -6.87
C GLY A 16 -27.07 6.23 -6.70
N ARG A 17 -25.76 6.06 -6.85
CA ARG A 17 -24.83 7.18 -6.68
C ARG A 17 -23.90 7.31 -7.90
N GLY A 18 -24.45 7.02 -9.08
CA GLY A 18 -23.70 7.18 -10.31
C GLY A 18 -22.96 5.92 -10.76
N GLU A 19 -22.12 6.09 -11.78
CA GLU A 19 -21.29 5.00 -12.29
C GLU A 19 -20.21 4.59 -11.30
N PRO A 20 -19.66 3.37 -11.44
CA PRO A 20 -18.65 2.93 -10.47
C PRO A 20 -17.45 3.84 -10.47
N ARG A 21 -16.95 4.15 -9.28
CA ARG A 21 -15.73 4.92 -9.16
C ARG A 21 -14.56 4.07 -9.60
N PHE A 22 -13.63 4.66 -10.35
CA PHE A 22 -12.44 3.94 -10.76
C PHE A 22 -11.22 4.76 -10.43
N ILE A 23 -10.26 4.15 -9.77
CA ILE A 23 -9.02 4.83 -9.44
C ILE A 23 -7.83 3.93 -9.73
N SER A 24 -6.79 4.51 -10.32
CA SER A 24 -5.58 3.79 -10.69
C SER A 24 -4.41 4.57 -10.13
N VAL A 25 -3.59 3.88 -9.35
N VAL A 25 -3.60 3.91 -9.31
CA VAL A 25 -2.44 4.49 -8.70
CA VAL A 25 -2.44 4.58 -8.75
C VAL A 25 -1.17 3.79 -9.15
C VAL A 25 -1.16 3.82 -9.08
N GLY A 26 -0.20 4.54 -9.65
CA GLY A 26 1.03 3.91 -10.14
C GLY A 26 2.19 4.17 -9.19
N TYR A 27 3.03 3.16 -9.03
CA TYR A 27 4.20 3.23 -8.18
C TYR A 27 5.43 2.75 -8.89
N VAL A 28 6.56 3.38 -8.58
CA VAL A 28 7.86 2.74 -8.76
C VAL A 28 8.35 2.40 -7.36
N ASP A 29 8.57 1.10 -7.10
CA ASP A 29 8.88 0.65 -5.75
C ASP A 29 7.84 1.20 -4.76
N ASP A 30 8.29 1.88 -3.70
CA ASP A 30 7.34 2.45 -2.72
C ASP A 30 7.06 3.93 -2.94
N THR A 31 7.29 4.41 -4.15
CA THR A 31 7.01 5.79 -4.49
C THR A 31 5.85 5.88 -5.46
N GLN A 32 4.76 6.47 -5.02
CA GLN A 32 3.64 6.75 -5.91
C GLN A 32 4.05 7.87 -6.87
N PHE A 33 3.82 7.67 -8.17
CA PHE A 33 4.18 8.70 -9.14
C PHE A 33 3.00 9.24 -9.94
N VAL A 34 1.86 8.56 -9.89
CA VAL A 34 0.70 9.03 -10.62
C VAL A 34 -0.60 8.51 -10.01
N ARG A 35 -1.66 9.28 -10.19
N ARG A 35 -1.67 9.27 -10.19
CA ARG A 35 -3.00 8.86 -9.84
CA ARG A 35 -3.02 8.82 -9.79
C ARG A 35 -3.94 9.28 -10.96
C ARG A 35 -4.06 9.33 -10.78
N PHE A 36 -4.91 8.42 -11.24
CA PHE A 36 -6.02 8.78 -12.12
C PHE A 36 -7.26 8.40 -11.34
N ASP A 37 -8.24 9.29 -11.29
CA ASP A 37 -9.43 9.04 -10.49
C ASP A 37 -10.63 9.52 -11.30
N SER A 38 -11.60 8.63 -11.52
CA SER A 38 -12.75 9.00 -12.33
C SER A 38 -13.51 10.15 -11.68
N ASP A 39 -13.38 10.31 -10.37
CA ASP A 39 -14.08 11.36 -9.64
C ASP A 39 -13.25 12.65 -9.51
N ALA A 40 -12.07 12.68 -10.12
CA ALA A 40 -11.21 13.86 -10.09
C ALA A 40 -11.91 15.07 -10.70
N ALA A 41 -11.95 16.16 -9.94
CA ALA A 41 -12.57 17.40 -10.42
C ALA A 41 -11.76 18.00 -11.58
N SER A 42 -10.45 18.04 -11.43
CA SER A 42 -9.56 18.50 -12.49
C SER A 42 -8.40 17.52 -12.67
N PRO A 43 -8.34 16.86 -13.83
CA PRO A 43 -7.33 15.86 -14.16
C PRO A 43 -5.89 16.35 -13.99
N ARG A 44 -5.63 17.59 -14.38
CA ARG A 44 -4.28 18.13 -14.32
C ARG A 44 -3.97 18.69 -12.93
N ARG A 48 2.10 11.66 -6.70
CA ARG A 48 2.63 12.06 -7.99
C ARG A 48 4.07 12.53 -7.82
N ALA A 49 4.87 12.44 -8.89
CA ALA A 49 6.31 12.67 -8.75
C ALA A 49 6.92 13.72 -9.68
N PRO A 50 7.98 14.40 -9.22
CA PRO A 50 8.72 15.42 -9.98
C PRO A 50 9.38 14.90 -11.24
N TRP A 51 9.92 13.68 -11.21
CA TRP A 51 10.58 13.13 -12.39
C TRP A 51 9.62 12.74 -13.49
N ILE A 52 8.32 12.80 -13.20
CA ILE A 52 7.32 12.54 -14.22
C ILE A 52 6.96 13.85 -14.93
N GLU A 53 7.37 14.98 -14.35
CA GLU A 53 7.01 16.28 -14.89
C GLU A 53 7.62 16.57 -16.25
N GLN A 54 8.75 15.94 -16.54
CA GLN A 54 9.44 16.17 -17.80
C GLN A 54 8.74 15.49 -18.98
N GLU A 55 7.81 14.59 -18.70
CA GLU A 55 7.08 13.92 -19.76
C GLU A 55 6.16 14.92 -20.45
N GLY A 56 6.05 14.83 -21.77
CA GLY A 56 5.32 15.81 -22.54
C GLY A 56 3.83 15.54 -22.69
N PRO A 57 3.15 16.41 -23.43
CA PRO A 57 1.72 16.25 -23.70
C PRO A 57 1.38 14.92 -24.36
N GLU A 58 2.25 14.40 -25.23
CA GLU A 58 1.94 13.15 -25.90
C GLU A 58 1.87 12.00 -24.91
N TYR A 59 2.81 12.00 -23.96
CA TYR A 59 2.81 11.02 -22.87
C TYR A 59 1.48 11.06 -22.11
N TRP A 60 1.04 12.26 -21.75
CA TRP A 60 -0.19 12.42 -20.99
C TRP A 60 -1.43 12.07 -21.80
N ASP A 61 -1.43 12.42 -23.08
CA ASP A 61 -2.52 12.03 -23.96
C ASP A 61 -2.72 10.52 -23.92
N ARG A 62 -1.63 9.78 -24.12
CA ARG A 62 -1.71 8.32 -24.17
C ARG A 62 -2.12 7.72 -22.81
N ASN A 63 -1.56 8.24 -21.72
CA ASN A 63 -1.93 7.75 -20.41
C ASN A 63 -3.38 8.02 -20.05
N THR A 64 -3.87 9.22 -20.37
N THR A 64 -3.86 9.22 -20.40
CA THR A 64 -5.26 9.52 -20.09
CA THR A 64 -5.25 9.58 -20.13
C THR A 64 -6.19 8.65 -20.91
C THR A 64 -6.22 8.70 -20.94
N GLN A 65 -5.83 8.37 -22.17
CA GLN A 65 -6.64 7.49 -22.99
C GLN A 65 -6.68 6.08 -22.40
N ALA A 66 -5.55 5.61 -21.90
CA ALA A 66 -5.47 4.29 -21.29
C ALA A 66 -6.38 4.25 -20.08
N PHE A 67 -6.37 5.33 -19.30
CA PHE A 67 -7.22 5.38 -18.12
C PHE A 67 -8.70 5.35 -18.50
N LYS A 68 -9.04 6.05 -19.57
N LYS A 68 -9.05 6.05 -19.57
CA LYS A 68 -10.41 6.08 -20.06
CA LYS A 68 -10.43 6.07 -20.03
C LYS A 68 -10.84 4.67 -20.45
C LYS A 68 -10.86 4.66 -20.46
N THR A 69 -9.98 3.98 -21.18
CA THR A 69 -10.24 2.61 -21.59
C THR A 69 -10.44 1.72 -20.37
N ASN A 70 -9.55 1.82 -19.39
CA ASN A 70 -9.65 0.99 -18.20
C ASN A 70 -10.91 1.27 -17.40
N THR A 71 -11.31 2.54 -17.35
CA THR A 71 -12.55 2.88 -16.67
C THR A 71 -13.71 2.13 -17.33
N GLN A 72 -13.77 2.16 -18.65
CA GLN A 72 -14.90 1.54 -19.35
C GLN A 72 -14.83 0.03 -19.21
N THR A 73 -13.62 -0.51 -19.40
CA THR A 73 -13.42 -1.96 -19.28
C THR A 73 -13.78 -2.49 -17.90
N ASP A 74 -13.35 -1.80 -16.84
CA ASP A 74 -13.69 -2.25 -15.50
C ASP A 74 -15.17 -2.06 -15.14
N ARG A 75 -15.81 -1.01 -15.65
CA ARG A 75 -17.24 -0.85 -15.39
C ARG A 75 -18.03 -1.97 -16.07
N GLU A 76 -17.61 -2.35 -17.28
CA GLU A 76 -18.25 -3.45 -18.00
C GLU A 76 -17.97 -4.77 -17.28
N SER A 77 -16.74 -4.95 -16.81
CA SER A 77 -16.43 -6.16 -16.03
C SER A 77 -17.30 -6.25 -14.78
N LEU A 78 -17.52 -5.14 -14.08
CA LEU A 78 -18.35 -5.20 -12.89
C LEU A 78 -19.75 -5.67 -13.24
N ARG A 79 -20.27 -5.22 -14.37
N ARG A 79 -20.28 -5.21 -14.37
CA ARG A 79 -21.60 -5.65 -14.81
CA ARG A 79 -21.60 -5.65 -14.82
C ARG A 79 -21.61 -7.14 -15.14
C ARG A 79 -21.60 -7.14 -15.12
N ASN A 80 -20.62 -7.61 -15.87
CA ASN A 80 -20.54 -9.05 -16.19
C ASN A 80 -20.33 -9.92 -14.94
N LEU A 81 -19.57 -9.43 -13.97
CA LEU A 81 -19.29 -10.19 -12.75
C LEU A 81 -20.55 -10.44 -11.93
N ARG A 82 -21.43 -9.44 -11.85
N ARG A 82 -21.41 -9.43 -11.87
CA ARG A 82 -22.69 -9.63 -11.13
CA ARG A 82 -22.69 -9.54 -11.21
C ARG A 82 -23.44 -10.81 -11.72
C ARG A 82 -23.41 -10.78 -11.73
N GLY A 83 -23.41 -10.92 -13.05
CA GLY A 83 -24.05 -12.04 -13.73
C GLY A 83 -23.39 -13.38 -13.44
N TYR A 84 -22.06 -13.40 -13.46
CA TYR A 84 -21.32 -14.64 -13.26
C TYR A 84 -21.59 -15.23 -11.87
N TYR A 85 -21.97 -14.39 -10.91
CA TYR A 85 -22.15 -14.85 -9.53
C TYR A 85 -23.64 -14.78 -9.09
N ASN A 86 -24.51 -14.62 -10.07
CA ASN A 86 -25.94 -14.53 -9.77
C ASN A 86 -26.26 -13.50 -8.67
N GLN A 87 -25.65 -12.34 -8.73
CA GLN A 87 -25.89 -11.31 -7.71
C GLN A 87 -26.93 -10.27 -8.13
N SER A 88 -27.65 -9.72 -7.17
CA SER A 88 -28.66 -8.71 -7.49
C SER A 88 -27.98 -7.40 -7.88
N GLU A 89 -28.74 -6.46 -8.42
CA GLU A 89 -28.17 -5.19 -8.84
C GLU A 89 -28.10 -4.16 -7.72
N ALA A 90 -28.43 -4.57 -6.51
CA ALA A 90 -28.60 -3.63 -5.41
C ALA A 90 -27.34 -3.33 -4.58
N GLY A 91 -26.41 -4.29 -4.50
CA GLY A 91 -25.24 -4.13 -3.65
C GLY A 91 -24.05 -3.45 -4.31
N SER A 92 -23.11 -2.99 -3.49
CA SER A 92 -21.84 -2.45 -3.99
C SER A 92 -20.83 -3.57 -4.11
N HIS A 93 -20.07 -3.60 -5.20
CA HIS A 93 -19.02 -4.61 -5.35
C HIS A 93 -17.73 -3.96 -5.76
N THR A 94 -16.64 -4.71 -5.65
CA THR A 94 -15.30 -4.14 -5.87
C THR A 94 -14.50 -5.03 -6.82
N LEU A 95 -13.88 -4.42 -7.82
CA LEU A 95 -12.94 -5.12 -8.68
C LEU A 95 -11.56 -4.45 -8.56
N GLN A 96 -10.54 -5.23 -8.23
CA GLN A 96 -9.19 -4.73 -8.11
C GLN A 96 -8.27 -5.44 -9.09
N SER A 97 -7.27 -4.71 -9.59
CA SER A 97 -6.24 -5.38 -10.37
C SER A 97 -4.89 -4.78 -10.03
N MET A 98 -3.86 -5.60 -10.22
CA MET A 98 -2.49 -5.15 -10.07
C MET A 98 -1.76 -5.60 -11.29
N TYR A 99 -1.01 -4.68 -11.90
N TYR A 99 -0.96 -4.74 -11.89
CA TYR A 99 -0.31 -4.90 -13.17
CA TYR A 99 -0.12 -5.20 -12.97
C TYR A 99 1.13 -4.34 -13.04
C TYR A 99 1.10 -4.32 -13.16
N GLY A 100 2.12 -4.93 -13.73
CA GLY A 100 3.42 -4.29 -13.84
C GLY A 100 4.55 -5.26 -13.96
N CYS A 101 5.78 -4.73 -13.83
CA CYS A 101 6.97 -5.52 -14.05
C CYS A 101 8.01 -5.30 -12.97
N ASP A 102 8.86 -6.31 -12.77
CA ASP A 102 9.98 -6.21 -11.86
C ASP A 102 11.20 -6.36 -12.75
N VAL A 103 12.24 -5.56 -12.49
CA VAL A 103 13.51 -5.72 -13.20
C VAL A 103 14.65 -5.92 -12.22
N GLY A 104 15.72 -6.55 -12.68
CA GLY A 104 16.92 -6.73 -11.88
C GLY A 104 17.84 -5.54 -12.00
N PRO A 105 19.00 -5.60 -11.34
CA PRO A 105 19.98 -4.52 -11.30
C PRO A 105 20.39 -4.05 -12.69
N ASP A 106 20.39 -4.96 -13.64
CA ASP A 106 20.79 -4.64 -15.00
C ASP A 106 19.61 -4.14 -15.83
N GLY A 107 18.44 -4.10 -15.21
CA GLY A 107 17.26 -3.57 -15.87
C GLY A 107 16.54 -4.56 -16.77
N ARG A 108 16.95 -5.81 -16.71
CA ARG A 108 16.27 -6.85 -17.48
C ARG A 108 15.04 -7.35 -16.72
N LEU A 109 14.03 -7.80 -17.46
CA LEU A 109 12.81 -8.34 -16.85
C LEU A 109 13.11 -9.49 -15.89
N LEU A 110 12.61 -9.36 -14.67
CA LEU A 110 12.67 -10.46 -13.72
C LEU A 110 11.36 -11.22 -13.74
N ARG A 111 10.24 -10.48 -13.73
CA ARG A 111 8.95 -11.11 -13.93
C ARG A 111 7.86 -10.10 -14.15
N GLY A 112 6.76 -10.55 -14.76
CA GLY A 112 5.61 -9.71 -15.05
C GLY A 112 4.41 -10.07 -14.19
N HIS A 113 3.49 -9.14 -14.03
CA HIS A 113 2.32 -9.35 -13.18
C HIS A 113 1.06 -8.83 -13.84
N ASN A 114 -0.03 -9.58 -13.73
CA ASN A 114 -1.33 -9.11 -14.16
C ASN A 114 -2.40 -9.95 -13.50
N GLN A 115 -2.98 -9.44 -12.42
CA GLN A 115 -3.97 -10.22 -11.69
C GLN A 115 -5.12 -9.40 -11.15
N TYR A 116 -6.19 -10.12 -10.80
CA TYR A 116 -7.47 -9.52 -10.46
C TYR A 116 -8.08 -10.18 -9.25
N ALA A 117 -8.83 -9.37 -8.50
CA ALA A 117 -9.62 -9.87 -7.40
C ALA A 117 -11.02 -9.25 -7.47
N TYR A 118 -12.05 -10.03 -7.13
CA TYR A 118 -13.41 -9.53 -7.06
C TYR A 118 -13.92 -9.67 -5.62
N ASP A 119 -14.46 -8.58 -5.07
CA ASP A 119 -14.87 -8.54 -3.66
C ASP A 119 -13.83 -9.12 -2.70
N GLY A 120 -12.57 -8.81 -2.97
CA GLY A 120 -11.48 -9.15 -2.08
C GLY A 120 -10.94 -10.57 -2.25
N LYS A 121 -11.50 -11.31 -3.20
N LYS A 121 -11.51 -11.31 -3.20
CA LYS A 121 -11.08 -12.69 -3.45
CA LYS A 121 -11.10 -12.68 -3.48
C LYS A 121 -10.38 -12.81 -4.80
C LYS A 121 -10.36 -12.77 -4.81
N ASP A 122 -9.25 -13.50 -4.83
CA ASP A 122 -8.56 -13.73 -6.09
C ASP A 122 -9.51 -14.30 -7.11
N TYR A 123 -9.43 -13.77 -8.33
CA TYR A 123 -10.31 -14.15 -9.42
C TYR A 123 -9.54 -14.82 -10.56
N ILE A 124 -8.62 -14.08 -11.19
CA ILE A 124 -7.77 -14.67 -12.23
C ILE A 124 -6.40 -13.98 -12.23
N ALA A 125 -5.38 -14.72 -12.64
CA ALA A 125 -4.04 -14.15 -12.70
C ALA A 125 -3.26 -14.72 -13.87
N LEU A 126 -2.48 -13.86 -14.49
CA LEU A 126 -1.50 -14.29 -15.50
C LEU A 126 -0.35 -15.02 -14.81
N ASN A 127 -0.07 -16.25 -15.25
CA ASN A 127 1.02 -17.02 -14.67
C ASN A 127 2.39 -16.39 -14.98
N GLU A 128 3.40 -16.77 -14.20
CA GLU A 128 4.76 -16.25 -14.40
C GLU A 128 5.31 -16.48 -15.82
N ASP A 129 4.83 -17.52 -16.50
CA ASP A 129 5.24 -17.76 -17.88
C ASP A 129 4.72 -16.73 -18.87
N LEU A 130 3.79 -15.87 -18.42
CA LEU A 130 3.18 -14.85 -19.28
C LEU A 130 2.45 -15.45 -20.49
N ARG A 131 2.02 -16.70 -20.37
N ARG A 131 2.00 -16.70 -20.37
CA ARG A 131 1.34 -17.38 -21.48
CA ARG A 131 1.34 -17.38 -21.48
C ARG A 131 0.03 -18.03 -21.07
C ARG A 131 0.09 -18.14 -21.08
N SER A 132 -0.12 -18.32 -19.78
CA SER A 132 -1.28 -19.07 -19.30
C SER A 132 -1.91 -18.42 -18.07
N TRP A 133 -3.13 -18.82 -17.76
CA TRP A 133 -3.90 -18.20 -16.67
C TRP A 133 -4.19 -19.19 -15.56
N THR A 134 -4.31 -18.66 -14.35
CA THR A 134 -4.85 -19.40 -13.21
C THR A 134 -6.17 -18.78 -12.76
N ALA A 135 -7.26 -19.52 -12.92
CA ALA A 135 -8.61 -19.07 -12.57
C ALA A 135 -9.08 -19.69 -11.25
N ALA A 136 -9.65 -18.86 -10.38
CA ALA A 136 -9.98 -19.26 -9.02
C ALA A 136 -11.26 -20.10 -8.89
N ASP A 137 -12.19 -19.98 -9.84
CA ASP A 137 -13.50 -20.61 -9.70
C ASP A 137 -14.18 -20.73 -11.06
N THR A 138 -15.41 -21.24 -11.10
CA THR A 138 -16.05 -21.48 -12.40
C THR A 138 -16.37 -20.21 -13.16
N ALA A 139 -16.59 -19.10 -12.45
CA ALA A 139 -16.79 -17.81 -13.12
C ALA A 139 -15.51 -17.39 -13.82
N ALA A 140 -14.39 -17.42 -13.10
CA ALA A 140 -13.12 -17.03 -13.68
C ALA A 140 -12.70 -17.96 -14.83
N GLN A 141 -13.21 -19.19 -14.82
CA GLN A 141 -12.92 -20.09 -15.93
C GLN A 141 -13.53 -19.58 -17.24
N ILE A 142 -14.64 -18.85 -17.13
CA ILE A 142 -15.24 -18.21 -18.30
C ILE A 142 -14.32 -17.14 -18.85
N THR A 143 -13.86 -16.25 -17.98
CA THR A 143 -12.92 -15.23 -18.41
C THR A 143 -11.71 -15.91 -19.07
N GLN A 144 -11.23 -16.98 -18.44
CA GLN A 144 -10.06 -17.67 -18.97
C GLN A 144 -10.31 -18.17 -20.39
N ARG A 145 -11.45 -18.82 -20.61
CA ARG A 145 -11.84 -19.27 -21.95
C ARG A 145 -11.86 -18.12 -22.98
N LYS A 146 -12.47 -17.01 -22.62
CA LYS A 146 -12.55 -15.87 -23.54
C LYS A 146 -11.18 -15.27 -23.80
N TRP A 147 -10.37 -15.15 -22.76
CA TRP A 147 -9.05 -14.57 -22.91
C TRP A 147 -8.11 -15.46 -23.75
N GLU A 148 -8.28 -16.78 -23.60
CA GLU A 148 -7.55 -17.73 -24.43
C GLU A 148 -7.97 -17.60 -25.89
N ALA A 149 -9.27 -17.52 -26.12
CA ALA A 149 -9.78 -17.42 -27.48
C ALA A 149 -9.30 -16.14 -28.16
N ALA A 150 -9.17 -15.07 -27.37
CA ALA A 150 -8.76 -13.77 -27.89
C ALA A 150 -7.26 -13.51 -27.78
N ARG A 151 -6.50 -14.51 -27.33
CA ARG A 151 -5.05 -14.38 -27.25
C ARG A 151 -4.60 -13.19 -26.42
N VAL A 152 -5.28 -12.97 -25.30
CA VAL A 152 -5.01 -11.81 -24.46
C VAL A 152 -3.63 -11.90 -23.81
N ALA A 153 -3.21 -13.11 -23.43
CA ALA A 153 -1.92 -13.27 -22.75
C ALA A 153 -0.76 -12.88 -23.65
N GLU A 154 -0.89 -13.19 -24.94
N GLU A 154 -0.88 -13.18 -24.94
CA GLU A 154 0.13 -12.81 -25.91
CA GLU A 154 0.14 -12.79 -25.92
C GLU A 154 0.33 -11.29 -25.91
C GLU A 154 0.33 -11.28 -25.85
N GLN A 155 -0.77 -10.56 -25.80
CA GLN A 155 -0.72 -9.11 -25.78
C GLN A 155 -0.17 -8.59 -24.44
N ASP A 156 -0.55 -9.23 -23.34
CA ASP A 156 -0.02 -8.83 -22.04
C ASP A 156 1.47 -9.12 -21.96
N ARG A 157 1.89 -10.27 -22.47
CA ARG A 157 3.31 -10.58 -22.48
C ARG A 157 4.07 -9.51 -23.26
N ALA A 158 3.48 -9.06 -24.36
CA ALA A 158 4.10 -8.02 -25.19
C ALA A 158 4.34 -6.74 -24.42
N TYR A 159 3.33 -6.27 -23.67
N TYR A 159 3.35 -6.34 -23.64
CA TYR A 159 3.46 -5.04 -22.85
CA TYR A 159 3.42 -5.10 -22.90
C TYR A 159 4.49 -5.25 -21.77
C TYR A 159 4.33 -5.19 -21.67
N LEU A 160 4.39 -6.37 -21.06
CA LEU A 160 5.22 -6.56 -19.88
C LEU A 160 6.70 -6.68 -20.25
N GLU A 161 7.02 -7.37 -21.34
CA GLU A 161 8.42 -7.56 -21.75
C GLU A 161 9.01 -6.37 -22.47
N GLY A 162 8.14 -5.53 -23.03
CA GLY A 162 8.58 -4.40 -23.83
C GLY A 162 8.32 -3.09 -23.13
N THR A 163 7.13 -2.55 -23.34
CA THR A 163 6.75 -1.24 -22.81
C THR A 163 6.97 -1.06 -21.31
N CYS A 164 6.47 -1.99 -20.50
CA CYS A 164 6.59 -1.87 -19.06
C CYS A 164 8.06 -1.69 -18.63
N VAL A 165 8.91 -2.61 -19.08
N VAL A 165 8.92 -2.61 -19.04
CA VAL A 165 10.32 -2.56 -18.77
CA VAL A 165 10.32 -2.56 -18.61
C VAL A 165 10.96 -1.28 -19.32
C VAL A 165 11.08 -1.38 -19.21
N GLU A 166 10.65 -0.91 -20.55
N GLU A 166 10.62 -0.90 -20.37
CA GLU A 166 11.24 0.28 -21.16
CA GLU A 166 11.27 0.22 -21.04
C GLU A 166 10.95 1.54 -20.34
C GLU A 166 10.95 1.53 -20.32
N TRP A 167 9.70 1.68 -19.90
CA TRP A 167 9.31 2.84 -19.13
C TRP A 167 9.87 2.84 -17.71
N LEU A 168 9.93 1.67 -17.08
CA LEU A 168 10.51 1.57 -15.76
C LEU A 168 11.99 1.98 -15.83
N ARG A 169 12.71 1.51 -16.83
CA ARG A 169 14.12 1.91 -17.00
C ARG A 169 14.23 3.43 -17.10
N ARG A 170 13.33 4.02 -17.88
CA ARG A 170 13.36 5.45 -18.11
C ARG A 170 13.08 6.25 -16.84
N TYR A 171 12.08 5.80 -16.07
CA TYR A 171 11.76 6.44 -14.81
C TYR A 171 12.92 6.34 -13.85
N LEU A 172 13.55 5.17 -13.78
CA LEU A 172 14.69 4.97 -12.89
C LEU A 172 15.84 5.91 -13.26
N GLU A 173 16.03 6.13 -14.56
CA GLU A 173 17.08 7.02 -15.03
C GLU A 173 16.80 8.47 -14.67
N ASN A 174 15.57 8.91 -14.89
CA ASN A 174 15.19 10.29 -14.64
C ASN A 174 14.99 10.60 -13.15
N GLY A 175 14.67 9.58 -12.37
CA GLY A 175 14.41 9.74 -10.94
C GLY A 175 15.51 9.15 -10.07
N LYS A 176 16.66 8.91 -10.66
CA LYS A 176 17.81 8.31 -9.98
C LYS A 176 18.05 8.81 -8.55
N ASP A 177 18.06 10.13 -8.34
CA ASP A 177 18.45 10.70 -7.06
C ASP A 177 17.59 10.25 -5.88
N THR A 178 16.34 9.91 -6.15
CA THR A 178 15.45 9.45 -5.11
C THR A 178 15.14 7.96 -5.26
N LEU A 179 14.84 7.52 -6.48
CA LEU A 179 14.43 6.14 -6.68
C LEU A 179 15.55 5.14 -6.37
N GLU A 180 16.79 5.55 -6.58
N GLU A 180 16.79 5.54 -6.59
CA GLU A 180 17.93 4.65 -6.37
CA GLU A 180 17.94 4.66 -6.38
C GLU A 180 18.71 4.98 -5.11
C GLU A 180 18.69 4.95 -5.09
N ARG A 181 18.14 5.86 -4.28
CA ARG A 181 18.73 6.18 -2.99
C ARG A 181 17.96 5.47 -1.88
N ALA A 182 18.66 4.69 -1.08
CA ALA A 182 18.08 4.07 0.09
C ALA A 182 18.41 4.92 1.30
N ASP A 183 17.40 5.21 2.13
CA ASP A 183 17.63 5.95 3.35
C ASP A 183 17.59 4.99 4.51
N PRO A 184 18.68 4.93 5.26
CA PRO A 184 18.77 3.97 6.37
C PRO A 184 17.88 4.38 7.51
N PRO A 185 17.43 3.39 8.29
CA PRO A 185 16.66 3.66 9.49
C PRO A 185 17.47 4.39 10.55
N LYS A 186 16.84 5.36 11.19
CA LYS A 186 17.34 5.95 12.42
C LYS A 186 16.72 5.11 13.54
N THR A 187 17.56 4.58 14.42
CA THR A 187 17.11 3.58 15.38
C THR A 187 17.37 4.01 16.82
N HIS A 188 16.47 3.62 17.71
CA HIS A 188 16.69 3.78 19.16
C HIS A 188 15.85 2.76 19.93
N VAL A 189 16.22 2.53 21.19
CA VAL A 189 15.47 1.61 22.03
C VAL A 189 14.93 2.37 23.23
N THR A 190 13.64 2.18 23.52
CA THR A 190 13.03 2.79 24.69
C THR A 190 12.63 1.71 25.70
N HIS A 191 12.41 2.14 26.94
CA HIS A 191 12.19 1.22 28.05
C HIS A 191 11.03 1.76 28.89
N HIS A 192 9.97 0.98 29.03
CA HIS A 192 8.85 1.42 29.86
C HIS A 192 8.43 0.32 30.82
N PRO A 193 8.59 0.56 32.13
CA PRO A 193 8.12 -0.42 33.11
C PRO A 193 6.63 -0.65 32.97
N ILE A 194 6.17 -1.90 33.02
CA ILE A 194 4.73 -2.17 33.00
C ILE A 194 4.26 -2.60 34.40
N SER A 195 5.22 -2.85 35.28
CA SER A 195 4.95 -3.20 36.66
C SER A 195 6.27 -3.23 37.37
N ASP A 196 6.27 -3.61 38.64
CA ASP A 196 7.53 -3.69 39.38
C ASP A 196 8.41 -4.80 38.81
N HIS A 197 7.79 -5.75 38.13
CA HIS A 197 8.47 -6.99 37.75
C HIS A 197 8.78 -7.12 36.25
N GLU A 198 8.19 -6.25 35.44
CA GLU A 198 8.35 -6.34 33.99
C GLU A 198 8.45 -4.97 33.33
N ALA A 199 9.08 -4.94 32.17
CA ALA A 199 9.21 -3.70 31.42
C ALA A 199 9.11 -4.01 29.94
N THR A 200 8.72 -3.01 29.16
CA THR A 200 8.68 -3.14 27.72
C THR A 200 9.92 -2.52 27.12
N LEU A 201 10.60 -3.29 26.26
CA LEU A 201 11.65 -2.72 25.44
C LEU A 201 11.07 -2.57 24.05
N ARG A 202 11.19 -1.39 23.48
CA ARG A 202 10.65 -1.13 22.15
C ARG A 202 11.78 -0.69 21.25
N CYS A 203 11.96 -1.41 20.14
CA CYS A 203 13.00 -1.10 19.18
C CYS A 203 12.41 -0.32 18.01
N TRP A 204 12.92 0.89 17.79
CA TRP A 204 12.36 1.84 16.82
C TRP A 204 13.22 1.94 15.56
N ALA A 205 12.57 2.00 14.40
CA ALA A 205 13.23 2.36 13.14
C ALA A 205 12.43 3.47 12.47
N LEU A 206 13.07 4.60 12.18
CA LEU A 206 12.36 5.73 11.59
C LEU A 206 13.11 6.28 10.38
N GLY A 207 12.37 6.96 9.50
CA GLY A 207 12.97 7.65 8.37
C GLY A 207 13.60 6.80 7.28
N PHE A 208 13.17 5.55 7.12
CA PHE A 208 13.81 4.68 6.13
C PHE A 208 13.05 4.59 4.80
N TYR A 209 13.78 4.28 3.72
CA TYR A 209 13.23 4.03 2.40
C TYR A 209 14.21 3.09 1.69
N PRO A 210 13.71 2.03 1.04
CA PRO A 210 12.29 1.69 0.86
C PRO A 210 11.69 1.03 2.10
N ALA A 211 10.46 0.56 1.97
CA ALA A 211 9.70 0.11 3.14
C ALA A 211 10.21 -1.21 3.73
N GLU A 212 10.73 -2.10 2.88
CA GLU A 212 11.22 -3.40 3.34
C GLU A 212 12.25 -3.24 4.46
N ILE A 213 12.00 -3.91 5.58
CA ILE A 213 12.90 -3.85 6.71
C ILE A 213 12.68 -5.09 7.56
N THR A 214 13.69 -5.47 8.33
CA THR A 214 13.56 -6.56 9.28
C THR A 214 13.98 -6.09 10.66
N LEU A 215 13.09 -6.26 11.63
N LEU A 215 13.05 -6.16 11.60
CA LEU A 215 13.32 -5.82 13.00
CA LEU A 215 13.32 -5.87 13.00
C LEU A 215 12.96 -6.96 13.95
C LEU A 215 13.02 -7.11 13.81
N THR A 216 13.96 -7.52 14.64
CA THR A 216 13.75 -8.67 15.50
C THR A 216 14.38 -8.46 16.87
N TRP A 217 13.82 -9.11 17.87
CA TRP A 217 14.44 -9.11 19.20
C TRP A 217 15.00 -10.50 19.45
N GLN A 218 16.17 -10.54 20.07
CA GLN A 218 16.76 -11.78 20.52
C GLN A 218 16.96 -11.75 22.04
N ARG A 219 16.76 -12.90 22.66
N ARG A 219 16.74 -12.89 22.67
CA ARG A 219 17.09 -13.09 24.08
CA ARG A 219 17.13 -13.05 24.07
C ARG A 219 18.18 -14.14 24.18
C ARG A 219 18.20 -14.12 24.13
N ASP A 220 19.36 -13.75 24.64
CA ASP A 220 20.50 -14.67 24.71
C ASP A 220 20.73 -15.26 23.32
N GLY A 221 20.61 -14.43 22.29
CA GLY A 221 20.88 -14.88 20.93
C GLY A 221 19.82 -15.74 20.27
N GLU A 222 18.69 -15.94 20.94
CA GLU A 222 17.57 -16.66 20.36
C GLU A 222 16.45 -15.72 19.97
N ASP A 223 15.97 -15.83 18.72
CA ASP A 223 14.85 -15.02 18.23
C ASP A 223 13.63 -15.18 19.11
N GLN A 224 12.97 -14.05 19.41
CA GLN A 224 11.78 -14.06 20.23
C GLN A 224 10.53 -13.83 19.39
N THR A 225 10.44 -14.56 18.28
CA THR A 225 9.36 -14.32 17.32
C THR A 225 7.99 -14.35 17.97
N GLN A 226 7.77 -15.35 18.81
CA GLN A 226 6.46 -15.56 19.39
C GLN A 226 6.11 -14.50 20.43
N ASP A 227 7.12 -13.95 21.09
CA ASP A 227 6.88 -12.99 22.16
C ASP A 227 6.99 -11.54 21.72
N THR A 228 7.34 -11.33 20.45
CA THR A 228 7.53 -9.97 19.96
C THR A 228 6.25 -9.37 19.38
N GLU A 229 5.91 -8.16 19.79
CA GLU A 229 4.84 -7.41 19.13
C GLU A 229 5.46 -6.57 18.00
N LEU A 230 4.99 -6.80 16.79
CA LEU A 230 5.50 -6.11 15.60
C LEU A 230 4.39 -5.30 14.97
N VAL A 231 4.56 -3.99 14.84
CA VAL A 231 3.52 -3.23 14.15
C VAL A 231 3.80 -3.24 12.67
N GLU A 232 2.74 -3.11 11.89
CA GLU A 232 2.87 -2.98 10.47
C GLU A 232 3.71 -1.75 10.12
N THR A 233 4.59 -1.91 9.13
CA THR A 233 5.37 -0.79 8.62
C THR A 233 4.42 0.29 8.12
N ARG A 234 4.70 1.54 8.45
CA ARG A 234 3.74 2.62 8.25
C ARG A 234 4.40 3.85 7.62
N PRO A 235 3.67 4.56 6.76
CA PRO A 235 4.27 5.71 6.09
C PRO A 235 4.33 6.95 6.98
N ALA A 236 5.44 7.68 6.90
CA ALA A 236 5.62 8.88 7.71
C ALA A 236 4.90 10.07 7.09
N GLY A 237 4.77 10.05 5.76
CA GLY A 237 4.12 11.13 5.03
C GLY A 237 5.08 11.90 4.14
N ASP A 238 6.38 11.64 4.30
CA ASP A 238 7.45 12.39 3.64
C ASP A 238 8.36 11.47 2.81
N ARG A 239 7.77 10.41 2.28
CA ARG A 239 8.48 9.38 1.51
C ARG A 239 8.94 8.21 2.37
N THR A 240 9.27 8.48 3.62
CA THR A 240 9.90 7.45 4.47
C THR A 240 8.89 6.62 5.26
N PHE A 241 9.39 5.58 5.92
CA PHE A 241 8.57 4.64 6.64
C PHE A 241 9.06 4.47 8.08
N GLN A 242 8.21 3.88 8.92
CA GLN A 242 8.50 3.68 10.34
C GLN A 242 8.05 2.27 10.74
N LYS A 243 8.68 1.72 11.77
CA LYS A 243 8.28 0.43 12.31
C LYS A 243 8.84 0.31 13.70
N TRP A 244 8.16 -0.41 14.57
CA TRP A 244 8.74 -0.81 15.84
C TRP A 244 8.46 -2.26 16.21
N ALA A 245 9.31 -2.80 17.09
CA ALA A 245 9.12 -4.15 17.61
C ALA A 245 9.31 -4.07 19.12
N ALA A 246 8.41 -4.70 19.87
CA ALA A 246 8.51 -4.62 21.33
C ALA A 246 8.46 -5.98 22.01
N VAL A 247 9.21 -6.11 23.10
CA VAL A 247 9.16 -7.31 23.94
C VAL A 247 9.00 -6.94 25.41
N VAL A 248 8.29 -7.75 26.17
CA VAL A 248 8.19 -7.57 27.62
C VAL A 248 9.21 -8.45 28.30
N VAL A 249 10.05 -7.83 29.11
CA VAL A 249 11.18 -8.52 29.70
C VAL A 249 11.11 -8.41 31.21
N PRO A 250 11.70 -9.38 31.92
CA PRO A 250 11.76 -9.28 33.39
C PRO A 250 12.66 -8.14 33.85
N SER A 251 12.23 -7.41 34.88
CA SER A 251 13.04 -6.29 35.36
C SER A 251 14.44 -6.77 35.71
N GLY A 252 15.45 -6.07 35.21
CA GLY A 252 16.82 -6.39 35.53
C GLY A 252 17.50 -7.28 34.51
N GLU A 253 16.72 -7.86 33.60
CA GLU A 253 17.27 -8.75 32.58
C GLU A 253 17.43 -8.06 31.22
N GLU A 254 17.29 -6.73 31.19
CA GLU A 254 17.29 -6.00 29.91
C GLU A 254 18.51 -6.27 29.02
N GLN A 255 19.67 -6.50 29.62
CA GLN A 255 20.88 -6.67 28.81
C GLN A 255 20.99 -8.01 28.09
N ARG A 256 20.10 -8.95 28.42
CA ARG A 256 20.05 -10.21 27.69
C ARG A 256 19.40 -10.03 26.32
N TYR A 257 18.80 -8.86 26.10
CA TYR A 257 17.99 -8.62 24.91
C TYR A 257 18.67 -7.69 23.88
N THR A 258 18.67 -8.12 22.62
CA THR A 258 19.26 -7.30 21.56
C THR A 258 18.25 -7.15 20.45
N CYS A 259 18.20 -5.95 19.89
CA CYS A 259 17.36 -5.70 18.72
C CYS A 259 18.25 -5.70 17.48
N HIS A 260 17.82 -6.41 16.45
CA HIS A 260 18.58 -6.51 15.23
C HIS A 260 17.83 -5.88 14.07
N VAL A 261 18.51 -5.00 13.34
CA VAL A 261 17.89 -4.24 12.25
C VAL A 261 18.59 -4.54 10.94
N GLN A 262 17.82 -4.97 9.94
CA GLN A 262 18.34 -5.14 8.60
C GLN A 262 17.58 -4.25 7.63
N HIS A 263 18.32 -3.48 6.84
CA HIS A 263 17.73 -2.63 5.84
C HIS A 263 18.72 -2.37 4.72
N GLU A 264 18.21 -2.30 3.49
CA GLU A 264 19.04 -2.03 2.32
C GLU A 264 19.99 -0.84 2.48
N GLY A 265 19.54 0.21 3.16
CA GLY A 265 20.34 1.39 3.39
C GLY A 265 21.43 1.20 4.44
N LEU A 266 21.54 0.00 4.98
CA LEU A 266 22.56 -0.32 5.98
C LEU A 266 23.65 -1.26 5.45
N PRO A 267 24.92 -0.79 5.51
CA PRO A 267 26.10 -1.59 5.17
C PRO A 267 26.00 -3.00 5.74
N LYS A 268 25.71 -3.10 7.03
CA LYS A 268 25.46 -4.37 7.67
C LYS A 268 24.47 -4.17 8.81
N PRO A 269 23.82 -5.26 9.25
CA PRO A 269 22.83 -5.18 10.33
C PRO A 269 23.30 -4.37 11.55
N LEU A 270 22.39 -3.61 12.15
CA LEU A 270 22.65 -2.97 13.43
C LEU A 270 22.29 -3.95 14.55
N THR A 271 22.98 -3.81 15.67
CA THR A 271 22.63 -4.53 16.89
C THR A 271 22.48 -3.49 17.98
N LEU A 272 21.27 -3.39 18.54
CA LEU A 272 20.97 -2.34 19.50
C LEU A 272 20.58 -2.95 20.84
N ARG A 273 20.93 -2.26 21.91
CA ARG A 273 20.53 -2.65 23.26
C ARG A 273 19.95 -1.44 23.92
N TRP A 274 19.14 -1.65 24.95
CA TRP A 274 18.72 -0.52 25.76
C TRP A 274 19.95 0.06 26.45
N GLU A 275 20.13 1.36 26.35
CA GLU A 275 21.20 2.00 27.11
C GLU A 275 20.62 3.02 28.08
N PRO A 276 20.48 2.61 29.35
CA PRO A 276 19.88 3.42 30.43
C PRO A 276 20.62 4.73 30.60
N MET B 1 -20.37 -11.42 1.22
CA MET B 1 -18.97 -11.52 0.81
C MET B 1 -18.06 -11.38 2.03
N ILE B 2 -16.75 -11.47 1.80
CA ILE B 2 -15.80 -11.40 2.90
C ILE B 2 -15.39 -9.97 3.24
N GLN B 3 -15.36 -9.66 4.53
CA GLN B 3 -14.98 -8.32 4.99
C GLN B 3 -13.82 -8.38 5.96
N ARG B 4 -13.00 -7.34 5.93
CA ARG B 4 -11.80 -7.26 6.75
C ARG B 4 -11.81 -5.96 7.52
N THR B 5 -11.61 -6.04 8.83
N THR B 5 -11.61 -6.04 8.83
CA THR B 5 -11.70 -4.86 9.68
CA THR B 5 -11.66 -4.86 9.69
C THR B 5 -10.35 -4.13 9.71
C THR B 5 -10.33 -4.11 9.67
N PRO B 6 -10.38 -2.79 9.73
CA PRO B 6 -9.13 -2.01 9.65
C PRO B 6 -8.21 -2.16 10.87
N LYS B 7 -6.91 -2.15 10.61
CA LYS B 7 -5.95 -1.94 11.67
C LYS B 7 -5.77 -0.45 11.69
N ILE B 8 -5.44 0.11 12.85
CA ILE B 8 -5.33 1.55 13.01
C ILE B 8 -4.06 1.90 13.78
N GLN B 9 -3.24 2.81 13.25
CA GLN B 9 -2.11 3.36 13.99
C GLN B 9 -2.16 4.88 13.99
N VAL B 10 -1.94 5.48 15.15
CA VAL B 10 -1.89 6.94 15.27
C VAL B 10 -0.50 7.36 15.76
N TYR B 11 0.14 8.28 15.06
CA TYR B 11 1.55 8.61 15.29
C TYR B 11 1.94 9.93 14.61
N SER B 12 3.12 10.44 14.95
CA SER B 12 3.60 11.64 14.29
C SER B 12 4.67 11.37 13.23
N ARG B 13 4.78 12.27 12.25
CA ARG B 13 5.77 12.12 11.18
C ARG B 13 7.18 12.13 11.73
N HIS B 14 7.43 13.08 12.65
CA HIS B 14 8.74 13.24 13.29
C HIS B 14 8.57 13.02 14.79
N PRO B 15 9.64 12.62 15.50
CA PRO B 15 9.50 12.48 16.95
C PRO B 15 8.88 13.74 17.57
N ALA B 16 7.90 13.54 18.45
CA ALA B 16 7.13 14.66 18.99
C ALA B 16 7.93 15.43 20.02
N GLU B 17 7.91 16.76 19.89
CA GLU B 17 8.38 17.63 20.97
C GLU B 17 7.52 18.88 21.09
N ASN B 18 6.98 19.08 22.28
CA ASN B 18 6.06 20.19 22.55
C ASN B 18 6.58 21.53 22.02
N GLY B 19 5.74 22.20 21.26
CA GLY B 19 6.04 23.53 20.75
C GLY B 19 6.65 23.51 19.37
N LYS B 20 6.95 22.32 18.86
CA LYS B 20 7.51 22.22 17.52
C LYS B 20 6.51 21.60 16.55
N SER B 21 6.35 22.27 15.41
CA SER B 21 5.37 21.88 14.39
C SER B 21 5.71 20.49 13.83
N ASN B 22 4.66 19.72 13.53
CA ASN B 22 4.80 18.32 13.16
C ASN B 22 3.61 17.92 12.27
N PHE B 23 3.50 16.64 11.96
CA PHE B 23 2.29 16.11 11.33
C PHE B 23 1.74 14.97 12.16
N LEU B 24 0.42 14.97 12.32
CA LEU B 24 -0.27 13.88 13.00
C LEU B 24 -0.85 12.94 11.95
N ASN B 25 -0.54 11.65 12.09
CA ASN B 25 -0.96 10.65 11.11
C ASN B 25 -1.92 9.63 11.71
N CYS B 26 -2.90 9.21 10.93
CA CYS B 26 -3.67 8.03 11.28
C CYS B 26 -3.61 7.14 10.06
N TYR B 27 -3.02 5.97 10.23
CA TYR B 27 -2.86 5.03 9.14
C TYR B 27 -3.84 3.89 9.35
N VAL B 28 -4.73 3.72 8.38
CA VAL B 28 -5.69 2.62 8.43
C VAL B 28 -5.36 1.65 7.29
N SER B 29 -5.37 0.37 7.61
CA SER B 29 -4.94 -0.63 6.65
C SER B 29 -5.58 -1.98 6.91
N GLY B 30 -5.41 -2.89 5.96
CA GLY B 30 -5.87 -4.26 6.12
C GLY B 30 -7.37 -4.42 5.99
N PHE B 31 -8.05 -3.41 5.46
CA PHE B 31 -9.52 -3.45 5.44
C PHE B 31 -10.14 -3.72 4.07
N HIS B 32 -11.38 -4.20 4.09
CA HIS B 32 -12.15 -4.46 2.89
C HIS B 32 -13.61 -4.58 3.33
N PRO B 33 -14.53 -3.97 2.58
CA PRO B 33 -14.37 -3.15 1.38
C PRO B 33 -13.80 -1.77 1.71
N SER B 34 -13.73 -0.91 0.70
CA SER B 34 -12.88 0.27 0.80
C SER B 34 -13.51 1.47 1.52
N ASP B 35 -14.83 1.47 1.64
CA ASP B 35 -15.49 2.61 2.27
C ASP B 35 -15.10 2.66 3.73
N ILE B 36 -14.64 3.83 4.18
CA ILE B 36 -14.17 3.97 5.55
C ILE B 36 -14.26 5.42 5.98
N GLU B 37 -14.49 5.64 7.27
CA GLU B 37 -14.62 7.00 7.78
C GLU B 37 -13.55 7.19 8.84
N VAL B 38 -12.73 8.21 8.66
CA VAL B 38 -11.60 8.46 9.56
C VAL B 38 -11.58 9.92 9.97
N ASP B 39 -11.54 10.15 11.29
CA ASP B 39 -11.42 11.49 11.83
C ASP B 39 -10.23 11.59 12.75
N LEU B 40 -9.58 12.73 12.74
CA LEU B 40 -8.55 13.04 13.71
C LEU B 40 -9.22 13.90 14.76
N LEU B 41 -8.96 13.62 16.03
CA LEU B 41 -9.60 14.34 17.12
C LEU B 41 -8.57 15.14 17.90
N LYS B 42 -8.92 16.38 18.25
CA LYS B 42 -8.13 17.20 19.16
C LYS B 42 -8.96 17.50 20.39
N ASN B 43 -8.53 16.99 21.54
CA ASN B 43 -9.32 17.09 22.77
C ASN B 43 -10.78 16.64 22.57
N GLY B 44 -10.96 15.55 21.84
CA GLY B 44 -12.27 14.94 21.66
C GLY B 44 -13.05 15.49 20.49
N GLU B 45 -12.58 16.60 19.93
CA GLU B 45 -13.29 17.29 18.87
C GLU B 45 -12.66 17.08 17.49
N ARG B 46 -13.52 16.83 16.51
CA ARG B 46 -13.08 16.50 15.16
C ARG B 46 -12.29 17.66 14.55
N ILE B 47 -11.08 17.37 14.08
CA ILE B 47 -10.32 18.35 13.31
C ILE B 47 -10.97 18.52 11.94
N GLU B 48 -11.46 19.72 11.68
CA GLU B 48 -12.34 19.97 10.54
C GLU B 48 -11.65 19.80 9.20
N LYS B 49 -10.35 20.05 9.15
CA LYS B 49 -9.61 20.00 7.89
C LYS B 49 -8.44 19.01 7.94
N VAL B 50 -8.56 17.89 7.23
CA VAL B 50 -7.54 16.86 7.24
C VAL B 50 -7.35 16.34 5.82
N GLU B 51 -6.13 15.96 5.48
CA GLU B 51 -5.84 15.43 4.15
C GLU B 51 -5.74 13.91 4.22
N HIS B 52 -5.82 13.25 3.07
CA HIS B 52 -5.57 11.81 3.03
C HIS B 52 -4.93 11.40 1.73
N SER B 53 -4.31 10.22 1.76
CA SER B 53 -3.63 9.66 0.59
C SER B 53 -4.62 9.12 -0.43
N ASP B 54 -4.12 8.72 -1.59
CA ASP B 54 -4.99 8.14 -2.60
C ASP B 54 -5.21 6.64 -2.34
N LEU B 55 -6.48 6.21 -2.41
CA LEU B 55 -6.82 4.82 -2.17
C LEU B 55 -5.93 3.83 -2.92
N SER B 56 -5.31 2.93 -2.18
CA SER B 56 -4.44 1.92 -2.75
C SER B 56 -4.58 0.69 -1.89
N PHE B 57 -3.84 -0.37 -2.22
CA PHE B 57 -4.00 -1.62 -1.50
C PHE B 57 -2.73 -2.42 -1.51
N SER B 58 -2.66 -3.41 -0.63
N SER B 58 -2.63 -3.39 -0.62
CA SER B 58 -1.53 -4.29 -0.49
CA SER B 58 -1.46 -4.25 -0.55
C SER B 58 -1.67 -5.52 -1.38
C SER B 58 -1.66 -5.51 -1.38
N LYS B 59 -0.62 -6.33 -1.46
CA LYS B 59 -0.62 -7.54 -2.29
C LYS B 59 -1.74 -8.51 -1.93
N ASP B 60 -2.18 -8.49 -0.67
CA ASP B 60 -3.28 -9.33 -0.24
C ASP B 60 -4.66 -8.72 -0.54
N TRP B 61 -4.66 -7.62 -1.30
CA TRP B 61 -5.86 -6.92 -1.75
C TRP B 61 -6.52 -6.02 -0.69
N SER B 62 -5.99 -6.03 0.53
N SER B 62 -5.95 -6.01 0.51
CA SER B 62 -6.58 -5.18 1.56
CA SER B 62 -6.45 -5.15 1.58
C SER B 62 -6.17 -3.71 1.35
C SER B 62 -6.15 -3.68 1.30
N PHE B 63 -7.12 -2.82 1.57
CA PHE B 63 -6.90 -1.37 1.36
C PHE B 63 -6.10 -0.69 2.47
N TYR B 64 -5.46 0.41 2.13
CA TYR B 64 -4.86 1.27 3.14
C TYR B 64 -4.98 2.75 2.75
N LEU B 65 -5.02 3.59 3.78
CA LEU B 65 -5.11 5.05 3.65
C LEU B 65 -4.34 5.71 4.77
N LEU B 66 -3.70 6.83 4.46
CA LEU B 66 -3.07 7.67 5.47
C LEU B 66 -3.85 8.98 5.56
N TYR B 67 -4.32 9.29 6.76
CA TYR B 67 -4.96 10.58 7.03
C TYR B 67 -3.97 11.41 7.86
N TYR B 68 -3.88 12.70 7.58
CA TYR B 68 -2.84 13.49 8.23
C TYR B 68 -3.18 14.97 8.30
N THR B 69 -2.64 15.63 9.32
CA THR B 69 -2.82 17.07 9.45
C THR B 69 -1.60 17.68 10.12
N GLU B 70 -1.31 18.93 9.80
CA GLU B 70 -0.20 19.62 10.45
C GLU B 70 -0.64 19.98 11.86
N PHE B 71 0.23 19.78 12.84
CA PHE B 71 -0.08 20.20 14.20
C PHE B 71 1.17 20.54 14.98
N THR B 72 1.00 21.33 16.04
CA THR B 72 2.06 21.54 16.99
C THR B 72 1.65 20.97 18.34
N PRO B 73 2.27 19.85 18.72
CA PRO B 73 1.94 19.15 19.97
C PRO B 73 2.28 20.00 21.19
N THR B 74 1.47 19.87 22.23
CA THR B 74 1.74 20.49 23.52
C THR B 74 1.55 19.42 24.59
N GLU B 75 1.84 19.75 25.84
CA GLU B 75 1.79 18.76 26.91
C GLU B 75 0.36 18.40 27.32
N LYS B 76 -0.57 19.33 27.15
CA LYS B 76 -1.93 19.12 27.64
C LYS B 76 -2.90 18.58 26.57
N ASP B 77 -2.73 19.03 25.32
CA ASP B 77 -3.60 18.60 24.24
C ASP B 77 -3.54 17.10 24.00
N GLU B 78 -4.71 16.48 23.88
CA GLU B 78 -4.81 15.06 23.59
C GLU B 78 -5.28 14.86 22.17
N TYR B 79 -4.67 13.92 21.46
CA TYR B 79 -5.10 13.63 20.09
C TYR B 79 -5.51 12.18 19.95
N ALA B 80 -6.37 11.91 18.98
CA ALA B 80 -6.81 10.54 18.72
C ALA B 80 -7.31 10.44 17.29
N CYS B 81 -7.55 9.21 16.87
CA CYS B 81 -8.10 8.90 15.57
C CYS B 81 -9.36 8.08 15.78
N ARG B 82 -10.44 8.46 15.09
CA ARG B 82 -11.72 7.78 15.21
C ARG B 82 -12.11 7.18 13.88
N VAL B 83 -12.34 5.87 13.87
CA VAL B 83 -12.53 5.14 12.63
C VAL B 83 -13.84 4.36 12.66
N ASN B 84 -14.61 4.46 11.57
CA ASN B 84 -15.76 3.62 11.40
C ASN B 84 -15.69 2.86 10.09
N HIS B 85 -16.28 1.68 10.06
CA HIS B 85 -16.19 0.79 8.91
C HIS B 85 -17.37 -0.16 9.03
N VAL B 86 -17.75 -0.81 7.94
CA VAL B 86 -18.92 -1.70 7.99
C VAL B 86 -18.70 -2.84 8.99
N THR B 87 -17.45 -3.23 9.18
CA THR B 87 -17.07 -4.29 10.10
C THR B 87 -17.19 -3.88 11.58
N LEU B 88 -17.40 -2.60 11.82
CA LEU B 88 -17.39 -2.08 13.18
C LEU B 88 -18.79 -1.66 13.63
N SER B 89 -19.22 -2.21 14.76
CA SER B 89 -20.53 -1.91 15.35
C SER B 89 -20.61 -0.44 15.71
N GLN B 90 -19.53 0.09 16.27
CA GLN B 90 -19.43 1.51 16.54
C GLN B 90 -18.03 2.01 16.20
N PRO B 91 -17.86 3.33 16.06
CA PRO B 91 -16.56 3.91 15.76
C PRO B 91 -15.52 3.48 16.79
N LYS B 92 -14.30 3.21 16.33
CA LYS B 92 -13.23 2.81 17.22
C LYS B 92 -12.29 3.99 17.41
N ILE B 93 -11.97 4.31 18.66
CA ILE B 93 -11.07 5.42 18.96
C ILE B 93 -9.72 4.89 19.41
N VAL B 94 -8.66 5.38 18.77
CA VAL B 94 -7.31 5.07 19.18
C VAL B 94 -6.60 6.37 19.57
N LYS B 95 -6.09 6.41 20.79
CA LYS B 95 -5.45 7.60 21.31
C LYS B 95 -4.03 7.72 20.78
N TRP B 96 -3.60 8.94 20.49
CA TRP B 96 -2.19 9.15 20.16
C TRP B 96 -1.35 8.98 21.43
N ASP B 97 -0.37 8.09 21.34
CA ASP B 97 0.59 7.85 22.40
C ASP B 97 1.98 8.04 21.79
N ARG B 98 2.73 9.00 22.31
CA ARG B 98 4.03 9.35 21.73
C ARG B 98 5.04 8.19 21.70
N ASP B 99 4.78 7.16 22.50
CA ASP B 99 5.70 6.03 22.61
C ASP B 99 5.24 4.84 21.77
N MET B 100 4.31 5.09 20.84
CA MET B 100 3.83 4.03 19.94
C MET B 100 3.62 4.48 18.49
N PHE C 1 3.81 4.20 -16.83
CA PHE C 1 3.11 4.18 -18.11
C PHE C 1 1.99 3.15 -18.06
N LEU C 2 0.76 3.64 -18.18
CA LEU C 2 -0.43 2.83 -17.96
C LEU C 2 -0.67 1.86 -19.12
N ARG C 3 -1.00 0.62 -18.79
N ARG C 3 -1.02 0.62 -18.81
CA ARG C 3 -1.49 -0.33 -19.79
CA ARG C 3 -1.44 -0.33 -19.85
C ARG C 3 -2.96 -0.04 -20.01
C ARG C 3 -2.95 -0.24 -20.06
N GLY C 4 -3.35 0.10 -21.27
CA GLY C 4 -4.77 0.17 -21.61
C GLY C 4 -5.29 -1.26 -21.72
N ARG C 5 -6.18 -1.65 -20.81
CA ARG C 5 -6.69 -3.01 -20.75
C ARG C 5 -7.99 -3.09 -21.57
N ALA C 6 -7.91 -3.66 -22.77
CA ALA C 6 -9.05 -3.65 -23.71
C ALA C 6 -10.04 -4.79 -23.49
N TYR C 7 -9.60 -5.85 -22.81
CA TYR C 7 -10.42 -7.02 -22.58
C TYR C 7 -10.87 -7.08 -21.13
N GLY C 8 -12.17 -7.21 -20.94
CA GLY C 8 -12.73 -7.30 -19.60
C GLY C 8 -12.94 -8.72 -19.13
N LEU C 9 -13.48 -8.85 -17.92
CA LEU C 9 -13.70 -10.15 -17.32
C LEU C 9 -14.99 -10.76 -17.87
NA NA D . -7.06 -22.20 -14.16
#